data_7MEJ
#
_entry.id   7MEJ
#
_cell.length_a   1.00
_cell.length_b   1.00
_cell.length_c   1.00
_cell.angle_alpha   90.00
_cell.angle_beta   90.00
_cell.angle_gamma   90.00
#
_symmetry.space_group_name_H-M   'P 1'
#
loop_
_entity.id
_entity.type
_entity.pdbx_description
1 polymer 'Nanobody Nb21'
2 polymer 'Spike protein S1'
3 polymer 'Nanobody Nb36'
#
loop_
_entity_poly.entity_id
_entity_poly.type
_entity_poly.pdbx_seq_one_letter_code
_entity_poly.pdbx_strand_id
1 'polypeptide(L)'
;QVQLVESGGGLVQAGGSLRLSCAVSGLGAHRVGWFRRAPGKEREFVAAIGANGGNTNYLDSVKGRFTISRDNAKNTIYLQ
MNSLKPQDTAVYYCAARDIETAEYTYWGQGTQVTVSS
;
A
2 'polypeptide(L)'
;TNLCPFGEVFNATRFASVYAWNRKRISNCVADYSVLYNSASFSTFKCYGVSPTKLNDLCFTNVYADSFVIRGDEVRQIAP
GQTGKIADYNYKLPDDFTGCVIAWNSNNLDSKVGGNYNYLYRLFRKSNLKPFERDISTEIYQAGSTPCNGVEGFNCYFPL
QSYGFQPTNGVGYQPYRVVVLSFELLHAPATVCG
;
R
3 'polypeptide(L)'
;VQLVESGGGLVQAGGSLTLTCAASGRTFSSETMDMGWFRQAPGKEREFVAADSWNDGSTYYADSVKGRFTISRDSAKNTL
YLQMNSLKPEDTAVYYCAAETYSIYEKDDSWGYWGQGTQVTVS
;
B
#
# COMPACT_ATOMS: atom_id res chain seq x y z
N GLN A 1 24.74 -16.89 -1.21
CA GLN A 1 23.54 -17.31 -1.98
C GLN A 1 22.43 -17.75 -1.03
N VAL A 2 21.29 -18.15 -1.60
CA VAL A 2 20.14 -18.63 -0.83
C VAL A 2 19.92 -20.10 -1.18
N GLN A 3 19.86 -20.94 -0.15
CA GLN A 3 19.68 -22.37 -0.32
C GLN A 3 18.24 -22.74 0.05
N LEU A 4 17.55 -23.41 -0.87
CA LEU A 4 16.17 -23.85 -0.67
C LEU A 4 16.11 -25.36 -0.83
N VAL A 5 15.59 -26.05 0.18
CA VAL A 5 15.47 -27.49 0.17
C VAL A 5 14.27 -27.88 1.01
N GLU A 6 13.66 -29.01 0.67
CA GLU A 6 12.52 -29.53 1.42
C GLU A 6 12.60 -31.05 1.43
N SER A 7 12.54 -31.63 2.63
CA SER A 7 12.62 -33.08 2.78
C SER A 7 12.02 -33.46 4.13
N GLY A 8 11.01 -34.33 4.11
CA GLY A 8 10.36 -34.75 5.33
C GLY A 8 8.93 -35.20 5.11
N GLY A 9 8.02 -34.74 5.95
CA GLY A 9 6.61 -35.08 5.82
C GLY A 9 6.10 -35.95 6.95
N GLY A 10 5.20 -36.86 6.63
CA GLY A 10 4.60 -37.73 7.63
C GLY A 10 3.27 -37.18 8.13
N LEU A 11 2.35 -38.10 8.43
CA LEU A 11 1.03 -37.72 8.90
C LEU A 11 0.41 -38.90 9.64
N VAL A 12 -0.62 -38.60 10.42
CA VAL A 12 -1.36 -39.58 11.19
C VAL A 12 -2.85 -39.30 11.03
N GLN A 13 -3.67 -40.08 11.73
CA GLN A 13 -5.12 -39.90 11.70
C GLN A 13 -5.48 -38.45 12.04
N ALA A 14 -6.67 -38.03 11.65
CA ALA A 14 -7.10 -36.65 11.90
C ALA A 14 -6.88 -36.27 13.35
N GLY A 15 -6.12 -35.19 13.56
CA GLY A 15 -5.79 -34.75 14.90
C GLY A 15 -5.73 -33.24 15.03
N GLY A 16 -4.64 -32.74 15.60
CA GLY A 16 -4.48 -31.32 15.85
C GLY A 16 -3.80 -30.60 14.70
N SER A 17 -3.14 -29.50 15.04
CA SER A 17 -2.49 -28.67 14.03
C SER A 17 -1.33 -29.41 13.37
N LEU A 18 -1.11 -29.09 12.10
CA LEU A 18 -0.04 -29.67 11.31
C LEU A 18 0.86 -28.56 10.78
N ARG A 19 2.17 -28.74 10.94
CA ARG A 19 3.15 -27.71 10.61
C ARG A 19 4.30 -28.30 9.81
N LEU A 20 4.44 -27.83 8.57
CA LEU A 20 5.61 -28.13 7.75
C LEU A 20 6.18 -26.81 7.26
N SER A 21 7.50 -26.68 7.27
CA SER A 21 8.19 -25.46 6.87
C SER A 21 9.17 -25.77 5.75
N CYS A 22 9.13 -24.96 4.69
CA CYS A 22 10.06 -25.10 3.58
C CYS A 22 11.36 -24.39 3.94
N ALA A 23 12.43 -25.17 4.11
CA ALA A 23 13.68 -24.62 4.60
C ALA A 23 14.19 -23.53 3.68
N VAL A 24 14.59 -22.40 4.27
CA VAL A 24 15.12 -21.26 3.53
C VAL A 24 16.26 -20.66 4.33
N SER A 25 17.32 -20.27 3.64
CA SER A 25 18.49 -19.67 4.29
C SER A 25 18.37 -18.15 4.33
N GLY A 26 17.25 -17.66 4.86
CA GLY A 26 17.03 -16.24 5.00
C GLY A 26 16.57 -15.56 3.72
N LEU A 27 15.55 -14.72 3.84
CA LEU A 27 15.02 -13.94 2.72
C LEU A 27 14.98 -12.48 3.13
N GLY A 28 15.94 -11.70 2.64
CA GLY A 28 16.02 -10.29 2.98
C GLY A 28 15.00 -9.45 2.24
N ALA A 29 15.10 -9.41 0.91
CA ALA A 29 14.19 -8.64 0.07
C ALA A 29 13.85 -9.40 -1.20
N HIS A 30 13.56 -10.69 -1.05
CA HIS A 30 13.24 -11.54 -2.19
C HIS A 30 12.00 -12.37 -1.89
N ARG A 31 11.30 -12.77 -2.95
CA ARG A 31 10.02 -13.44 -2.82
C ARG A 31 10.20 -14.96 -2.77
N VAL A 32 9.13 -15.63 -2.33
CA VAL A 32 9.08 -17.09 -2.28
C VAL A 32 7.62 -17.50 -2.33
N GLY A 33 7.36 -18.66 -2.96
CA GLY A 33 5.98 -19.08 -3.15
C GLY A 33 5.84 -20.59 -3.19
N TRP A 34 4.59 -21.02 -3.31
CA TRP A 34 4.24 -22.43 -3.42
C TRP A 34 3.44 -22.65 -4.69
N PHE A 35 3.67 -23.80 -5.33
CA PHE A 35 3.01 -24.15 -6.58
C PHE A 35 2.20 -25.42 -6.38
N ARG A 36 0.93 -25.38 -6.82
CA ARG A 36 0.05 -26.53 -6.83
C ARG A 36 0.38 -27.43 -8.02
N ARG A 37 0.52 -28.73 -7.76
CA ARG A 37 0.77 -29.71 -8.81
C ARG A 37 -0.56 -30.36 -9.17
N ALA A 38 -1.34 -29.64 -9.97
CA ALA A 38 -2.64 -30.15 -10.38
C ALA A 38 -2.49 -31.27 -11.39
N PRO A 39 -3.53 -32.09 -11.57
CA PRO A 39 -3.44 -33.19 -12.54
C PRO A 39 -3.41 -32.69 -13.98
N GLY A 40 -2.27 -32.12 -14.38
CA GLY A 40 -2.13 -31.57 -15.71
C GLY A 40 -0.67 -31.45 -16.09
N LYS A 41 -0.46 -30.87 -17.27
CA LYS A 41 0.89 -30.68 -17.80
C LYS A 41 1.57 -29.43 -17.28
N GLU A 42 0.87 -28.60 -16.50
CA GLU A 42 1.43 -27.38 -15.96
C GLU A 42 0.98 -27.21 -14.52
N ARG A 43 1.80 -26.50 -13.74
CA ARG A 43 1.47 -26.23 -12.35
C ARG A 43 0.50 -25.05 -12.24
N GLU A 44 0.12 -24.73 -11.02
CA GLU A 44 -0.81 -23.64 -10.76
C GLU A 44 -0.30 -22.79 -9.59
N PHE A 45 -0.69 -21.52 -9.61
CA PHE A 45 -0.34 -20.60 -8.55
C PHE A 45 -1.11 -20.92 -7.27
N VAL A 46 -0.48 -20.69 -6.13
CA VAL A 46 -1.11 -20.95 -4.83
C VAL A 46 -1.16 -19.66 -4.03
N ALA A 47 0.01 -19.10 -3.72
CA ALA A 47 0.08 -17.87 -2.93
C ALA A 47 1.44 -17.23 -3.16
N ALA A 48 1.50 -15.93 -2.87
CA ALA A 48 2.74 -15.16 -2.98
C ALA A 48 2.75 -14.09 -1.89
N ILE A 49 3.85 -14.03 -1.14
CA ILE A 49 4.01 -13.08 -0.04
C ILE A 49 5.20 -12.20 -0.34
N GLY A 50 4.99 -10.88 -0.30
CA GLY A 50 6.05 -9.93 -0.51
C GLY A 50 6.89 -9.73 0.73
N ALA A 51 7.95 -8.93 0.57
CA ALA A 51 8.83 -8.64 1.70
C ALA A 51 8.06 -7.93 2.81
N ASN A 52 7.22 -6.96 2.45
CA ASN A 52 6.41 -6.25 3.44
C ASN A 52 5.32 -7.12 4.05
N GLY A 53 5.03 -8.28 3.45
CA GLY A 53 4.01 -9.17 3.95
C GLY A 53 2.60 -8.86 3.48
N GLY A 54 2.41 -7.79 2.71
CA GLY A 54 1.10 -7.43 2.20
C GLY A 54 0.80 -8.09 0.88
N ASN A 55 -0.33 -7.68 0.29
CA ASN A 55 -0.78 -8.21 -1.00
C ASN A 55 -0.89 -9.73 -0.96
N THR A 56 -1.37 -10.26 0.15
CA THR A 56 -1.54 -11.71 0.29
C THR A 56 -2.61 -12.20 -0.67
N ASN A 57 -2.35 -13.36 -1.28
CA ASN A 57 -3.26 -13.98 -2.23
C ASN A 57 -3.44 -15.45 -1.88
N TYR A 58 -4.64 -15.96 -2.13
CA TYR A 58 -4.97 -17.35 -1.86
C TYR A 58 -5.90 -17.87 -2.94
N LEU A 59 -5.91 -19.19 -3.10
CA LEU A 59 -6.74 -19.84 -4.10
C LEU A 59 -8.20 -19.88 -3.63
N ASP A 60 -9.07 -20.32 -4.54
CA ASP A 60 -10.50 -20.35 -4.23
C ASP A 60 -10.82 -21.30 -3.08
N SER A 61 -10.01 -22.36 -2.92
CA SER A 61 -10.25 -23.37 -1.90
C SER A 61 -9.30 -23.24 -0.71
N VAL A 62 -8.82 -22.04 -0.43
CA VAL A 62 -7.89 -21.81 0.66
C VAL A 62 -8.40 -20.79 1.68
N LYS A 63 -9.37 -19.95 1.34
CA LYS A 63 -9.87 -18.96 2.29
C LYS A 63 -10.49 -19.67 3.49
N GLY A 64 -10.18 -19.16 4.68
CA GLY A 64 -10.69 -19.75 5.91
C GLY A 64 -9.65 -19.79 7.02
N ARG A 65 -9.68 -20.85 7.82
CA ARG A 65 -8.71 -20.98 8.91
C ARG A 65 -7.28 -21.02 8.39
N PHE A 66 -7.09 -21.48 7.16
CA PHE A 66 -5.75 -21.55 6.59
C PHE A 66 -5.13 -20.17 6.53
N THR A 67 -3.88 -20.05 6.98
CA THR A 67 -3.16 -18.79 6.96
C THR A 67 -1.67 -19.06 6.87
N ILE A 68 -0.93 -18.06 6.39
CA ILE A 68 0.51 -18.13 6.26
C ILE A 68 1.12 -16.83 6.77
N SER A 69 2.18 -16.95 7.55
CA SER A 69 2.85 -15.79 8.13
C SER A 69 4.36 -16.00 8.09
N ARG A 70 5.09 -14.90 8.23
CA ARG A 70 6.54 -14.91 8.20
C ARG A 70 7.11 -14.33 9.50
N ASP A 71 8.31 -14.74 9.83
CA ASP A 71 9.00 -14.31 11.04
C ASP A 71 10.21 -13.46 10.68
N ASN A 72 10.49 -12.45 11.49
CA ASN A 72 11.57 -11.51 11.23
C ASN A 72 12.92 -11.99 11.76
N ALA A 73 12.97 -13.15 12.42
CA ALA A 73 14.20 -13.68 12.98
C ALA A 73 14.90 -14.66 12.04
N LYS A 74 14.20 -15.71 11.62
CA LYS A 74 14.77 -16.73 10.73
C LYS A 74 13.89 -16.97 9.51
N ASN A 75 12.93 -16.07 9.23
CA ASN A 75 12.06 -16.20 8.07
C ASN A 75 11.31 -17.52 8.08
N THR A 76 10.86 -17.93 9.27
CA THR A 76 10.07 -19.15 9.38
C THR A 76 8.75 -18.97 8.65
N ILE A 77 8.33 -20.01 7.93
CA ILE A 77 7.14 -19.98 7.09
C ILE A 77 6.17 -21.03 7.60
N TYR A 78 4.94 -20.61 7.89
CA TYR A 78 3.87 -21.51 8.27
C TYR A 78 3.18 -22.05 7.02
N LEU A 79 2.35 -23.08 7.21
CA LEU A 79 1.70 -23.76 6.11
C LEU A 79 0.20 -23.88 6.39
N GLN A 80 -0.53 -24.36 5.39
CA GLN A 80 -1.97 -24.54 5.46
C GLN A 80 -2.27 -25.96 5.96
N MET A 81 -3.51 -26.41 5.78
CA MET A 81 -3.90 -27.76 6.15
C MET A 81 -3.99 -27.93 7.67
N ASN A 82 -4.46 -26.90 8.36
CA ASN A 82 -4.76 -27.00 9.78
C ASN A 82 -6.12 -27.66 9.94
N SER A 83 -6.22 -28.58 10.90
CA SER A 83 -7.44 -29.34 11.13
C SER A 83 -7.85 -30.09 9.85
N LEU A 84 -6.97 -31.01 9.45
CA LEU A 84 -7.18 -31.75 8.21
C LEU A 84 -8.33 -32.74 8.34
N LYS A 85 -8.76 -33.25 7.20
CA LYS A 85 -9.79 -34.27 7.08
C LYS A 85 -9.27 -35.38 6.18
N PRO A 86 -9.86 -36.60 6.25
CA PRO A 86 -9.36 -37.73 5.47
C PRO A 86 -9.75 -37.68 3.98
N GLN A 87 -9.54 -36.51 3.37
CA GLN A 87 -9.83 -36.34 1.94
C GLN A 87 -8.78 -35.55 1.19
N ASP A 88 -7.86 -34.86 1.87
CA ASP A 88 -6.93 -33.97 1.19
C ASP A 88 -5.60 -34.67 0.93
N THR A 89 -4.96 -34.29 -0.18
CA THR A 89 -3.63 -34.76 -0.56
C THR A 89 -2.69 -33.57 -0.51
N ALA A 90 -1.54 -33.74 0.14
CA ALA A 90 -0.60 -32.66 0.40
C ALA A 90 0.67 -32.88 -0.41
N VAL A 91 0.77 -32.20 -1.56
CA VAL A 91 2.01 -32.17 -2.33
C VAL A 91 2.12 -30.81 -3.02
N TYR A 92 3.14 -30.04 -2.65
CA TYR A 92 3.38 -28.71 -3.18
C TYR A 92 4.75 -28.66 -3.84
N TYR A 93 5.07 -27.51 -4.43
CA TYR A 93 6.41 -27.24 -4.95
C TYR A 93 6.89 -25.90 -4.44
N CYS A 94 8.00 -25.89 -3.72
CA CYS A 94 8.59 -24.63 -3.27
C CYS A 94 9.24 -23.92 -4.45
N ALA A 95 8.97 -22.62 -4.59
CA ALA A 95 9.49 -21.82 -5.68
C ALA A 95 10.16 -20.57 -5.13
N ALA A 96 11.30 -20.21 -5.72
CA ALA A 96 12.10 -19.08 -5.27
C ALA A 96 11.76 -17.78 -5.99
N ARG A 97 10.75 -17.78 -6.86
CA ARG A 97 10.38 -16.59 -7.64
C ARG A 97 11.59 -16.13 -8.47
N ASP A 98 11.90 -16.96 -9.47
CA ASP A 98 13.14 -16.83 -10.24
C ASP A 98 13.34 -15.44 -10.83
N ILE A 99 12.33 -14.58 -10.77
CA ILE A 99 12.51 -13.19 -11.20
C ILE A 99 13.21 -12.44 -10.07
N GLU A 100 14.54 -12.43 -10.12
CA GLU A 100 15.37 -11.79 -9.10
C GLU A 100 16.81 -11.94 -9.52
N THR A 101 17.67 -11.08 -8.96
CA THR A 101 19.08 -11.01 -9.34
C THR A 101 19.96 -10.95 -8.10
N ALA A 102 19.72 -11.86 -7.14
CA ALA A 102 20.55 -11.87 -5.94
C ALA A 102 21.91 -12.51 -6.22
N GLU A 103 21.91 -13.80 -6.54
CA GLU A 103 23.09 -14.45 -7.08
C GLU A 103 22.80 -15.31 -8.30
N TYR A 104 21.68 -16.04 -8.29
CA TYR A 104 21.31 -16.97 -9.34
C TYR A 104 19.85 -17.35 -9.14
N THR A 105 19.38 -18.30 -9.94
CA THR A 105 18.03 -18.83 -9.81
C THR A 105 18.08 -20.23 -9.18
N TYR A 106 17.14 -20.50 -8.29
CA TYR A 106 17.10 -21.76 -7.56
C TYR A 106 15.67 -22.31 -7.55
N TRP A 107 15.58 -23.62 -7.41
CA TRP A 107 14.30 -24.33 -7.38
C TRP A 107 14.20 -25.17 -6.11
N GLY A 108 13.01 -25.18 -5.50
CA GLY A 108 12.78 -25.92 -4.29
C GLY A 108 12.26 -27.32 -4.56
N GLN A 109 11.77 -27.95 -3.51
CA GLN A 109 11.22 -29.31 -3.58
C GLN A 109 9.98 -29.37 -2.69
N GLY A 110 9.50 -30.59 -2.45
CA GLY A 110 8.32 -30.77 -1.62
C GLY A 110 8.18 -32.22 -1.19
N THR A 111 7.12 -32.48 -0.45
CA THR A 111 6.80 -33.81 0.06
C THR A 111 5.42 -34.24 -0.45
N GLN A 112 5.05 -35.47 -0.11
CA GLN A 112 3.79 -36.07 -0.55
C GLN A 112 2.98 -36.59 0.63
N VAL A 113 2.90 -35.79 1.70
CA VAL A 113 2.17 -36.21 2.89
C VAL A 113 0.73 -36.50 2.53
N THR A 114 0.16 -37.52 3.16
CA THR A 114 -1.22 -37.94 2.93
C THR A 114 -1.90 -38.16 4.28
N VAL A 115 -3.22 -38.31 4.23
CA VAL A 115 -4.04 -38.50 5.42
C VAL A 115 -4.61 -39.91 5.39
N SER A 116 -5.25 -40.29 6.49
CA SER A 116 -5.86 -41.61 6.62
C SER A 116 -7.24 -41.47 7.24
N SER A 117 -8.10 -42.46 6.96
CA SER A 117 -9.46 -42.46 7.48
C SER A 117 -9.45 -42.55 9.00
N THR B 1 -0.62 36.14 10.73
CA THR B 1 0.45 36.49 11.66
C THR B 1 0.82 35.29 12.53
N ASN B 2 1.39 34.27 11.89
CA ASN B 2 1.80 33.06 12.60
C ASN B 2 2.94 32.41 11.85
N LEU B 3 3.67 31.55 12.55
CA LEU B 3 4.80 30.85 11.95
C LEU B 3 4.32 29.90 10.86
N CYS B 4 5.08 29.81 9.78
CA CYS B 4 4.71 28.96 8.67
C CYS B 4 4.87 27.49 9.05
N PRO B 5 4.15 26.58 8.38
CA PRO B 5 4.25 25.16 8.70
C PRO B 5 5.50 24.48 8.14
N PHE B 6 6.45 25.22 7.58
CA PHE B 6 7.63 24.59 7.01
C PHE B 6 8.44 23.84 8.07
N GLY B 7 8.39 24.29 9.32
CA GLY B 7 9.12 23.64 10.37
C GLY B 7 8.48 22.39 10.93
N GLU B 8 7.25 22.09 10.54
CA GLU B 8 6.52 20.93 11.01
C GLU B 8 6.56 19.76 10.03
N VAL B 9 7.28 19.90 8.92
CA VAL B 9 7.38 18.86 7.90
C VAL B 9 8.79 18.33 7.76
N PHE B 10 9.79 19.20 7.83
CA PHE B 10 11.18 18.77 7.72
C PHE B 10 11.58 17.92 8.93
N ASN B 11 12.57 17.05 8.71
CA ASN B 11 13.08 16.17 9.76
C ASN B 11 11.99 15.25 10.29
N ALA B 12 11.43 14.45 9.40
CA ALA B 12 10.38 13.50 9.72
C ALA B 12 10.88 12.08 9.47
N THR B 13 10.38 11.14 10.28
CA THR B 13 10.79 9.75 10.13
C THR B 13 10.40 9.19 8.77
N ARG B 14 9.18 9.49 8.32
CA ARG B 14 8.71 9.03 7.02
C ARG B 14 7.78 10.09 6.44
N PHE B 15 7.69 10.10 5.11
CA PHE B 15 6.84 11.06 4.40
C PHE B 15 5.72 10.36 3.65
N ALA B 16 6.04 9.42 2.78
CA ALA B 16 5.03 8.69 1.99
C ALA B 16 5.73 7.58 1.23
N SER B 17 4.95 6.81 0.49
CA SER B 17 5.48 5.72 -0.30
C SER B 17 6.10 6.25 -1.60
N VAL B 18 6.77 5.35 -2.31
CA VAL B 18 7.43 5.74 -3.56
C VAL B 18 6.41 6.23 -4.57
N TYR B 19 5.30 5.50 -4.72
CA TYR B 19 4.26 5.82 -5.68
C TYR B 19 3.08 6.55 -5.03
N ALA B 20 3.33 7.28 -3.95
CA ALA B 20 2.28 8.01 -3.25
C ALA B 20 2.84 9.35 -2.81
N TRP B 21 2.41 10.42 -3.48
CA TRP B 21 2.80 11.79 -3.14
C TRP B 21 1.58 12.54 -2.62
N ASN B 22 1.75 13.19 -1.46
CA ASN B 22 0.67 13.90 -0.81
C ASN B 22 0.84 15.40 -1.04
N ARG B 23 -0.21 16.04 -1.57
CA ARG B 23 -0.19 17.48 -1.82
C ARG B 23 -0.66 18.23 -0.58
N LYS B 24 0.03 19.32 -0.27
CA LYS B 24 -0.27 20.14 0.89
C LYS B 24 -0.31 21.61 0.49
N ARG B 25 -1.10 22.37 1.24
CA ARG B 25 -1.26 23.80 1.01
C ARG B 25 -0.70 24.57 2.21
N ILE B 26 0.10 25.60 1.92
CA ILE B 26 0.72 26.39 2.97
C ILE B 26 -0.30 27.40 3.50
N SER B 27 -0.49 27.41 4.81
CA SER B 27 -1.42 28.34 5.42
C SER B 27 -0.84 29.75 5.42
N ASN B 28 -1.71 30.73 5.67
CA ASN B 28 -1.29 32.12 5.69
C ASN B 28 -0.21 32.33 6.75
N CYS B 29 0.85 33.02 6.35
CA CYS B 29 1.98 33.30 7.25
C CYS B 29 2.89 34.30 6.55
N VAL B 30 3.98 34.65 7.23
CA VAL B 30 4.98 35.57 6.70
C VAL B 30 6.36 34.95 6.92
N ALA B 31 7.17 34.93 5.87
CA ALA B 31 8.51 34.36 5.95
C ALA B 31 9.25 34.74 4.67
N ASP B 32 10.50 34.29 4.57
CA ASP B 32 11.34 34.53 3.42
C ASP B 32 11.62 33.24 2.67
N TYR B 33 11.54 33.28 1.35
CA TYR B 33 11.75 32.10 0.53
C TYR B 33 13.22 31.85 0.23
N SER B 34 14.12 32.76 0.60
CA SER B 34 15.54 32.60 0.36
C SER B 34 16.27 31.91 1.51
N VAL B 35 15.55 31.52 2.56
CA VAL B 35 16.21 30.85 3.69
C VAL B 35 16.76 29.50 3.25
N LEU B 36 16.02 28.77 2.41
CA LEU B 36 16.47 27.46 1.97
C LEU B 36 17.78 27.57 1.19
N TYR B 37 17.90 28.56 0.31
CA TYR B 37 19.12 28.72 -0.47
C TYR B 37 20.32 29.00 0.44
N ASN B 38 20.14 29.85 1.44
CA ASN B 38 21.25 30.16 2.34
C ASN B 38 21.72 28.93 3.11
N SER B 39 20.83 27.98 3.34
CA SER B 39 21.20 26.77 4.07
C SER B 39 22.24 25.97 3.29
N ALA B 40 23.25 25.48 3.99
CA ALA B 40 24.33 24.69 3.39
C ALA B 40 24.15 23.20 3.62
N SER B 41 23.01 22.77 4.14
CA SER B 41 22.76 21.36 4.42
C SER B 41 22.09 20.64 3.25
N PHE B 42 21.83 21.32 2.15
CA PHE B 42 21.20 20.74 0.97
C PHE B 42 22.22 20.73 -0.16
N SER B 43 23.01 19.66 -0.23
CA SER B 43 24.03 19.55 -1.27
C SER B 43 23.40 19.53 -2.66
N THR B 44 22.32 18.77 -2.82
CA THR B 44 21.63 18.64 -4.10
C THR B 44 20.45 19.60 -4.15
N PHE B 45 20.37 20.39 -5.22
CA PHE B 45 19.33 21.39 -5.37
C PHE B 45 19.25 21.76 -6.85
N LYS B 46 18.13 21.47 -7.50
CA LYS B 46 17.99 21.74 -8.92
C LYS B 46 16.60 22.26 -9.20
N CYS B 47 16.49 23.25 -10.10
CA CYS B 47 15.16 23.76 -10.41
C CYS B 47 15.05 24.78 -11.53
N TYR B 48 13.81 25.20 -11.81
CA TYR B 48 13.51 26.12 -12.89
C TYR B 48 12.60 27.23 -12.36
N GLY B 49 12.91 28.45 -12.73
CA GLY B 49 12.16 29.61 -12.29
C GLY B 49 13.07 30.79 -12.06
N VAL B 50 12.60 31.73 -11.24
CA VAL B 50 13.42 32.89 -10.89
C VAL B 50 14.53 32.46 -9.95
N SER B 51 15.61 33.24 -9.94
CA SER B 51 16.75 32.91 -9.10
C SER B 51 16.36 32.94 -7.63
N PRO B 52 16.97 32.10 -6.79
CA PRO B 52 16.59 32.09 -5.37
C PRO B 52 16.77 33.42 -4.68
N THR B 53 17.75 34.22 -5.09
CA THR B 53 18.05 35.49 -4.44
C THR B 53 17.19 36.64 -4.96
N LYS B 54 16.31 36.38 -5.94
CA LYS B 54 15.47 37.43 -6.50
C LYS B 54 13.98 37.12 -6.43
N LEU B 55 13.59 35.88 -6.11
CA LEU B 55 12.17 35.51 -6.05
C LEU B 55 11.62 35.86 -4.65
N ASN B 56 11.59 37.15 -4.39
CA ASN B 56 11.04 37.67 -3.13
C ASN B 56 9.98 38.74 -3.34
N ASP B 57 10.16 39.61 -4.35
CA ASP B 57 9.18 40.66 -4.59
C ASP B 57 7.84 40.07 -5.03
N LEU B 58 7.86 39.08 -5.91
CA LEU B 58 6.64 38.46 -6.43
C LEU B 58 6.21 37.37 -5.46
N CYS B 59 5.36 37.75 -4.50
CA CYS B 59 4.88 36.78 -3.52
C CYS B 59 3.96 35.76 -4.17
N PHE B 60 4.12 34.50 -3.77
CA PHE B 60 3.32 33.42 -4.31
C PHE B 60 1.95 33.38 -3.61
N THR B 61 1.01 32.69 -4.26
CA THR B 61 -0.33 32.52 -3.70
C THR B 61 -0.69 31.05 -3.61
N ASN B 62 -0.22 30.24 -4.55
CA ASN B 62 -0.49 28.81 -4.57
C ASN B 62 0.81 28.04 -4.40
N VAL B 63 0.82 27.08 -3.47
CA VAL B 63 1.99 26.27 -3.18
C VAL B 63 1.58 24.80 -3.22
N TYR B 64 2.38 23.99 -3.92
CA TYR B 64 2.18 22.54 -3.99
C TYR B 64 3.48 21.88 -3.59
N ALA B 65 3.47 21.18 -2.46
CA ALA B 65 4.67 20.55 -1.91
C ALA B 65 4.45 19.05 -1.79
N ASP B 66 5.44 18.28 -2.22
CA ASP B 66 5.42 16.83 -2.10
C ASP B 66 6.77 16.34 -1.61
N SER B 67 6.76 15.19 -0.94
CA SER B 67 7.97 14.61 -0.39
C SER B 67 7.89 13.09 -0.49
N PHE B 68 9.02 12.46 -0.76
CA PHE B 68 9.05 11.00 -0.89
C PHE B 68 10.50 10.54 -0.76
N VAL B 69 10.69 9.22 -0.85
CA VAL B 69 12.01 8.59 -0.78
C VAL B 69 12.15 7.70 -2.01
N ILE B 70 13.28 7.83 -2.71
CA ILE B 70 13.54 7.08 -3.93
C ILE B 70 14.99 6.62 -3.91
N ARG B 71 15.40 5.95 -4.99
CA ARG B 71 16.79 5.52 -5.12
C ARG B 71 17.68 6.71 -5.44
N GLY B 72 18.93 6.64 -4.98
CA GLY B 72 19.82 7.78 -5.11
C GLY B 72 20.10 8.16 -6.55
N ASP B 73 20.29 7.16 -7.42
CA ASP B 73 20.67 7.40 -8.81
C ASP B 73 19.48 7.75 -9.70
N GLU B 74 18.35 8.13 -9.13
CA GLU B 74 17.17 8.51 -9.90
C GLU B 74 17.17 9.99 -10.27
N VAL B 75 18.18 10.75 -9.85
CA VAL B 75 18.22 12.18 -10.17
C VAL B 75 18.23 12.39 -11.68
N ARG B 76 18.79 11.45 -12.43
CA ARG B 76 18.79 11.56 -13.89
C ARG B 76 17.37 11.57 -14.43
N GLN B 77 16.47 10.80 -13.82
CA GLN B 77 15.09 10.72 -14.27
C GLN B 77 14.22 11.87 -13.76
N ILE B 78 14.73 12.69 -12.84
CA ILE B 78 13.98 13.82 -12.30
C ILE B 78 14.37 15.03 -13.16
N ALA B 79 13.65 15.22 -14.27
CA ALA B 79 13.87 16.34 -15.16
C ALA B 79 12.62 16.56 -15.98
N PRO B 80 12.39 17.78 -16.48
CA PRO B 80 11.19 18.03 -17.28
C PRO B 80 11.22 17.27 -18.60
N GLY B 81 10.03 16.88 -19.06
CA GLY B 81 9.91 16.20 -20.33
C GLY B 81 10.66 14.89 -20.42
N GLN B 82 10.91 14.25 -19.28
CA GLN B 82 11.63 12.99 -19.30
C GLN B 82 10.82 11.91 -20.02
N THR B 83 11.52 11.10 -20.82
CA THR B 83 10.91 10.02 -21.58
C THR B 83 11.55 8.68 -21.24
N GLY B 84 11.98 8.54 -19.99
CA GLY B 84 12.60 7.28 -19.57
C GLY B 84 11.61 6.13 -19.63
N LYS B 85 12.14 4.94 -19.94
CA LYS B 85 11.30 3.76 -20.08
C LYS B 85 10.64 3.35 -18.77
N ILE B 86 11.14 3.82 -17.63
CA ILE B 86 10.59 3.48 -16.33
C ILE B 86 10.01 4.70 -15.62
N ALA B 87 10.63 5.86 -15.77
CA ALA B 87 10.19 7.04 -15.02
C ALA B 87 8.75 7.40 -15.35
N ASP B 88 8.41 7.52 -16.64
CA ASP B 88 7.06 7.92 -17.01
C ASP B 88 6.02 6.93 -16.50
N TYR B 89 6.41 5.65 -16.36
CA TYR B 89 5.49 4.63 -15.88
C TYR B 89 5.13 4.81 -14.41
N ASN B 90 5.85 5.65 -13.68
CA ASN B 90 5.57 5.90 -12.27
C ASN B 90 5.42 7.38 -11.95
N TYR B 91 6.20 8.24 -12.60
CA TYR B 91 6.15 9.68 -12.34
C TYR B 91 6.42 10.43 -13.64
N LYS B 92 5.72 11.55 -13.82
CA LYS B 92 5.89 12.37 -15.01
C LYS B 92 5.60 13.82 -14.64
N LEU B 93 6.39 14.73 -15.22
CA LEU B 93 6.25 16.16 -14.95
C LEU B 93 6.29 16.92 -16.28
N PRO B 94 5.47 17.96 -16.43
CA PRO B 94 5.49 18.75 -17.67
C PRO B 94 6.58 19.81 -17.65
N ASP B 95 6.93 20.26 -18.86
CA ASP B 95 7.96 21.28 -19.02
C ASP B 95 7.48 22.67 -18.66
N ASP B 96 6.17 22.91 -18.65
CA ASP B 96 5.61 24.22 -18.33
C ASP B 96 5.32 24.27 -16.84
N PHE B 97 6.37 24.55 -16.06
CA PHE B 97 6.22 24.63 -14.61
C PHE B 97 7.37 25.46 -14.05
N THR B 98 7.09 26.14 -12.94
CA THR B 98 8.09 26.92 -12.21
C THR B 98 8.16 26.37 -10.79
N GLY B 99 9.26 25.71 -10.45
CA GLY B 99 9.39 25.10 -9.15
C GLY B 99 10.76 24.51 -8.98
N CYS B 100 11.00 23.99 -7.76
CA CYS B 100 12.32 23.50 -7.39
C CYS B 100 12.25 22.18 -6.63
N VAL B 101 13.25 21.32 -6.90
CA VAL B 101 13.35 20.00 -6.30
C VAL B 101 14.69 19.91 -5.59
N ILE B 102 14.66 19.37 -4.36
CA ILE B 102 15.85 19.20 -3.53
C ILE B 102 15.86 17.75 -3.06
N ALA B 103 17.05 17.25 -2.75
CA ALA B 103 17.21 15.88 -2.28
C ALA B 103 18.37 15.82 -1.29
N TRP B 104 18.30 14.85 -0.38
CA TRP B 104 19.34 14.66 0.61
C TRP B 104 19.36 13.19 1.03
N ASN B 105 20.30 12.87 1.93
CA ASN B 105 20.50 11.49 2.33
C ASN B 105 19.33 10.97 3.16
N SER B 106 19.02 9.68 3.00
CA SER B 106 17.94 9.04 3.73
C SER B 106 18.39 7.84 4.54
N ASN B 107 19.68 7.51 4.54
CA ASN B 107 20.18 6.36 5.27
C ASN B 107 20.41 6.65 6.75
N ASN B 108 20.33 7.91 7.17
CA ASN B 108 20.55 8.23 8.57
C ASN B 108 19.53 7.59 9.49
N LEU B 109 18.33 7.29 8.99
CA LEU B 109 17.26 6.70 9.77
C LEU B 109 16.80 5.35 9.25
N ASP B 110 16.73 5.19 7.93
CA ASP B 110 16.28 3.93 7.32
C ASP B 110 17.44 2.94 7.21
N SER B 111 17.99 2.59 8.37
CA SER B 111 19.10 1.64 8.46
C SER B 111 18.86 0.71 9.63
N LYS B 112 19.08 -0.58 9.41
CA LYS B 112 18.91 -1.59 10.44
C LYS B 112 19.41 -2.92 9.89
N VAL B 113 19.62 -3.87 10.80
CA VAL B 113 20.09 -5.19 10.40
C VAL B 113 19.07 -5.83 9.46
N GLY B 114 19.56 -6.41 8.37
CA GLY B 114 18.70 -7.02 7.38
C GLY B 114 18.22 -6.10 6.29
N GLY B 115 18.52 -4.81 6.37
CA GLY B 115 18.11 -3.86 5.35
C GLY B 115 16.68 -3.39 5.54
N ASN B 116 16.23 -2.58 4.60
CA ASN B 116 14.89 -2.02 4.60
C ASN B 116 14.07 -2.62 3.46
N TYR B 117 12.81 -2.95 3.75
CA TYR B 117 11.94 -3.56 2.75
C TYR B 117 10.53 -3.01 2.76
N ASN B 118 10.28 -1.89 3.45
CA ASN B 118 8.93 -1.34 3.51
C ASN B 118 8.55 -0.62 2.22
N TYR B 119 9.50 0.04 1.57
CA TYR B 119 9.19 0.78 0.35
C TYR B 119 8.89 -0.17 -0.80
N LEU B 120 7.88 0.17 -1.59
CA LEU B 120 7.49 -0.59 -2.76
C LEU B 120 7.31 0.36 -3.94
N TYR B 121 7.58 -0.15 -5.15
CA TYR B 121 7.44 0.63 -6.37
C TYR B 121 6.86 -0.25 -7.46
N ARG B 122 6.05 0.37 -8.32
CA ARG B 122 5.40 -0.30 -9.43
C ARG B 122 6.26 -0.20 -10.69
N LEU B 123 6.01 -1.11 -11.63
CA LEU B 123 6.73 -1.15 -12.88
C LEU B 123 5.84 -0.83 -14.08
N PHE B 124 4.77 -1.59 -14.27
CA PHE B 124 3.89 -1.41 -15.42
C PHE B 124 2.49 -1.87 -15.04
N ARG B 125 1.48 -1.05 -15.37
CA ARG B 125 0.09 -1.44 -15.16
C ARG B 125 -0.68 -1.59 -16.48
N LYS B 126 -0.78 -0.53 -17.28
CA LYS B 126 -1.42 -0.63 -18.59
C LYS B 126 -0.62 0.02 -19.70
N SER B 127 0.01 1.16 -19.44
CA SER B 127 0.70 1.94 -20.46
C SER B 127 1.36 3.12 -19.75
N ASN B 128 2.05 3.97 -20.52
CA ASN B 128 2.68 5.14 -19.95
C ASN B 128 1.62 6.06 -19.32
N LEU B 129 1.97 6.65 -18.18
CA LEU B 129 1.07 7.52 -17.44
C LEU B 129 1.38 8.99 -17.73
N LYS B 130 0.33 9.77 -17.98
CA LYS B 130 0.48 11.19 -18.17
C LYS B 130 0.80 11.87 -16.84
N PRO B 131 1.35 13.08 -16.88
CA PRO B 131 1.69 13.77 -15.63
C PRO B 131 0.44 14.17 -14.86
N PHE B 132 0.60 14.27 -13.53
CA PHE B 132 -0.45 14.74 -12.64
C PHE B 132 -1.67 13.81 -12.67
N GLU B 133 -1.41 12.53 -12.40
CA GLU B 133 -2.48 11.55 -12.25
C GLU B 133 -1.89 10.26 -11.71
N ARG B 134 -2.64 9.60 -10.83
CA ARG B 134 -2.23 8.33 -10.24
C ARG B 134 -3.39 7.36 -10.26
N ASP B 135 -3.06 6.07 -10.29
CA ASP B 135 -4.07 5.02 -10.28
C ASP B 135 -3.52 3.81 -9.55
N ILE B 136 -4.43 3.01 -9.00
CA ILE B 136 -4.08 1.80 -8.26
C ILE B 136 -4.65 0.63 -9.06
N SER B 137 -3.82 0.03 -9.91
CA SER B 137 -4.22 -1.10 -10.75
C SER B 137 -3.62 -2.38 -10.17
N THR B 138 -4.46 -3.25 -9.63
CA THR B 138 -4.02 -4.51 -9.06
C THR B 138 -3.97 -5.63 -10.08
N GLU B 139 -4.44 -5.41 -11.30
CA GLU B 139 -4.43 -6.45 -12.32
C GLU B 139 -2.99 -6.81 -12.71
N ILE B 140 -2.75 -8.10 -12.91
CA ILE B 140 -1.43 -8.58 -13.30
C ILE B 140 -1.21 -8.28 -14.78
N TYR B 141 0.04 -7.98 -15.12
CA TYR B 141 0.38 -7.67 -16.50
C TYR B 141 0.02 -8.84 -17.42
N GLN B 142 -0.58 -8.51 -18.55
CA GLN B 142 -1.00 -9.50 -19.54
C GLN B 142 -0.04 -9.47 -20.73
N ALA B 143 0.44 -10.65 -21.12
CA ALA B 143 1.35 -10.77 -22.27
C ALA B 143 0.86 -11.82 -23.26
N GLY B 144 -0.40 -12.22 -23.19
CA GLY B 144 -0.93 -13.20 -24.09
C GLY B 144 -2.43 -13.05 -24.25
N SER B 145 -3.06 -14.13 -24.73
CA SER B 145 -4.50 -14.15 -24.95
C SER B 145 -5.28 -14.73 -23.77
N THR B 146 -4.76 -15.77 -23.15
CA THR B 146 -5.45 -16.39 -22.02
C THR B 146 -5.18 -15.57 -20.75
N PRO B 147 -6.22 -15.09 -20.05
CA PRO B 147 -5.98 -14.30 -18.84
C PRO B 147 -5.49 -15.19 -17.70
N CYS B 148 -4.24 -14.96 -17.28
CA CYS B 148 -3.67 -15.76 -16.19
C CYS B 148 -4.44 -15.54 -14.89
N ASN B 149 -4.81 -14.30 -14.60
CA ASN B 149 -5.54 -13.96 -13.38
C ASN B 149 -4.76 -14.41 -12.14
N GLY B 150 -3.51 -13.97 -12.06
CA GLY B 150 -2.65 -14.30 -10.95
C GLY B 150 -1.82 -15.56 -11.13
N VAL B 151 -2.06 -16.33 -12.18
CA VAL B 151 -1.28 -17.54 -12.42
C VAL B 151 0.08 -17.16 -13.01
N GLU B 152 1.13 -17.79 -12.48
CA GLU B 152 2.50 -17.52 -12.94
C GLU B 152 2.72 -18.18 -14.30
N GLY B 153 2.04 -17.63 -15.31
CA GLY B 153 2.15 -18.13 -16.65
C GLY B 153 1.93 -17.01 -17.65
N PHE B 154 2.39 -17.26 -18.89
CA PHE B 154 2.29 -16.27 -19.96
C PHE B 154 2.94 -14.95 -19.54
N ASN B 155 4.09 -15.04 -18.88
CA ASN B 155 4.83 -13.87 -18.43
C ASN B 155 4.01 -13.01 -17.47
N CYS B 156 3.25 -13.65 -16.58
CA CYS B 156 2.47 -12.93 -15.59
C CYS B 156 3.26 -12.84 -14.28
N TYR B 157 3.81 -11.67 -14.01
CA TYR B 157 4.64 -11.46 -12.82
C TYR B 157 4.05 -10.32 -12.00
N PHE B 158 4.40 -10.29 -10.73
CA PHE B 158 3.89 -9.27 -9.83
C PHE B 158 4.54 -7.93 -10.16
N PRO B 159 3.77 -6.88 -10.47
CA PRO B 159 4.41 -5.63 -10.95
C PRO B 159 5.14 -4.84 -9.87
N LEU B 160 4.83 -5.03 -8.59
CA LEU B 160 5.39 -4.21 -7.52
C LEU B 160 6.57 -4.92 -6.90
N GLN B 161 7.65 -4.17 -6.66
CA GLN B 161 8.86 -4.71 -6.04
CA GLN B 161 8.85 -4.71 -6.03
C GLN B 161 9.34 -3.80 -4.93
N SER B 162 9.99 -4.39 -3.93
CA SER B 162 10.47 -3.67 -2.76
C SER B 162 11.96 -3.37 -2.88
N TYR B 163 12.40 -2.32 -2.17
CA TYR B 163 13.80 -1.96 -2.14
C TYR B 163 14.61 -2.95 -1.31
N GLY B 164 15.92 -2.94 -1.54
CA GLY B 164 16.85 -3.70 -0.72
C GLY B 164 18.17 -2.97 -0.59
N PHE B 165 18.59 -2.72 0.65
CA PHE B 165 19.81 -1.95 0.91
C PHE B 165 20.51 -2.48 2.15
N GLN B 166 21.79 -2.77 2.02
CA GLN B 166 22.60 -3.23 3.13
C GLN B 166 23.01 -2.04 4.01
N PRO B 167 23.17 -2.25 5.32
CA PRO B 167 23.65 -1.15 6.18
C PRO B 167 25.04 -0.64 5.82
N THR B 168 25.77 -1.35 4.97
CA THR B 168 27.12 -0.95 4.55
C THR B 168 27.11 -0.24 3.21
N ASN B 169 26.08 0.57 2.97
CA ASN B 169 25.89 1.27 1.70
C ASN B 169 27.20 1.87 1.19
N GLY B 170 27.55 1.52 -0.04
CA GLY B 170 28.77 2.00 -0.67
C GLY B 170 28.48 3.03 -1.74
N VAL B 171 28.44 2.59 -3.00
CA VAL B 171 28.17 3.49 -4.11
C VAL B 171 26.84 4.21 -3.87
N GLY B 172 26.65 5.33 -4.57
CA GLY B 172 25.54 6.22 -4.34
C GLY B 172 24.16 5.65 -4.61
N TYR B 173 24.06 4.35 -4.87
CA TYR B 173 22.76 3.71 -5.04
C TYR B 173 21.92 3.75 -3.76
N GLN B 174 22.46 4.24 -2.65
CA GLN B 174 21.70 4.29 -1.42
C GLN B 174 20.49 5.21 -1.58
N PRO B 175 19.39 4.93 -0.87
CA PRO B 175 18.18 5.73 -1.05
C PRO B 175 18.36 7.15 -0.55
N TYR B 176 17.61 8.07 -1.17
CA TYR B 176 17.61 9.48 -0.81
C TYR B 176 16.17 9.95 -0.62
N ARG B 177 16.03 11.04 0.12
CA ARG B 177 14.75 11.70 0.34
C ARG B 177 14.68 12.94 -0.54
N VAL B 178 13.61 13.04 -1.32
CA VAL B 178 13.45 14.12 -2.30
C VAL B 178 12.16 14.87 -1.99
N VAL B 179 12.27 16.20 -1.96
CA VAL B 179 11.14 17.10 -1.71
C VAL B 179 11.04 18.08 -2.87
N VAL B 180 9.84 18.22 -3.42
CA VAL B 180 9.60 19.05 -4.60
C VAL B 180 8.54 20.09 -4.25
N LEU B 181 8.83 21.35 -4.55
CA LEU B 181 7.92 22.46 -4.32
C LEU B 181 7.61 23.15 -5.63
N SER B 182 6.37 23.59 -5.80
CA SER B 182 5.93 24.35 -6.96
C SER B 182 5.15 25.56 -6.48
N PHE B 183 5.45 26.73 -7.03
CA PHE B 183 4.82 27.98 -6.65
C PHE B 183 4.12 28.58 -7.86
N GLU B 184 2.86 28.96 -7.70
CA GLU B 184 2.06 29.58 -8.75
C GLU B 184 1.51 30.90 -8.23
N LEU B 185 1.63 31.94 -9.05
CA LEU B 185 1.19 33.28 -8.71
C LEU B 185 -0.08 33.60 -9.49
N LEU B 186 -1.08 34.13 -8.79
CA LEU B 186 -2.36 34.46 -9.40
C LEU B 186 -2.87 35.77 -8.82
N HIS B 187 -3.81 36.40 -9.54
CA HIS B 187 -4.39 37.66 -9.10
C HIS B 187 -5.21 37.51 -7.82
N ALA B 188 -5.55 36.29 -7.41
CA ALA B 188 -6.31 36.08 -6.21
C ALA B 188 -5.46 36.42 -4.99
N PRO B 189 -6.09 36.66 -3.83
CA PRO B 189 -5.31 37.01 -2.63
C PRO B 189 -4.28 35.94 -2.31
N ALA B 190 -3.12 36.38 -1.86
CA ALA B 190 -1.99 35.51 -1.57
C ALA B 190 -1.93 35.21 -0.08
N THR B 191 -1.79 33.93 0.26
CA THR B 191 -1.68 33.55 1.66
C THR B 191 -0.43 34.14 2.30
N VAL B 192 0.69 34.13 1.57
CA VAL B 192 1.96 34.68 2.04
C VAL B 192 2.35 35.81 1.10
N CYS B 193 2.58 37.00 1.65
CA CYS B 193 2.97 38.15 0.86
C CYS B 193 3.41 39.27 1.80
N GLY B 194 4.43 40.01 1.39
CA GLY B 194 4.95 41.10 2.20
C GLY B 194 5.87 42.01 1.42
N VAL C 1 -9.39 2.45 11.95
CA VAL C 1 -8.03 1.97 12.14
C VAL C 1 -8.05 0.49 12.52
N GLN C 2 -9.10 0.06 13.20
CA GLN C 2 -9.23 -1.33 13.61
C GLN C 2 -9.30 -2.23 12.38
N LEU C 3 -8.54 -3.33 12.41
CA LEU C 3 -8.53 -4.27 11.30
C LEU C 3 -9.80 -5.11 11.25
N VAL C 4 -10.44 -5.36 12.39
CA VAL C 4 -11.66 -6.16 12.43
C VAL C 4 -12.84 -5.29 12.03
N GLU C 5 -13.61 -5.77 11.05
CA GLU C 5 -14.78 -5.06 10.55
C GLU C 5 -16.02 -5.90 10.82
N SER C 6 -17.04 -5.27 11.39
CA SER C 6 -18.29 -5.96 11.70
C SER C 6 -19.42 -4.95 11.76
N GLY C 7 -20.65 -5.45 11.67
CA GLY C 7 -21.83 -4.64 11.71
C GLY C 7 -22.57 -4.75 13.04
N GLY C 8 -23.73 -4.10 13.08
CA GLY C 8 -24.56 -4.13 14.27
C GLY C 8 -25.33 -5.42 14.42
N GLY C 9 -26.03 -5.54 15.55
CA GLY C 9 -26.82 -6.72 15.83
C GLY C 9 -28.10 -6.41 16.57
N LEU C 10 -29.23 -6.86 16.02
CA LEU C 10 -30.53 -6.64 16.61
C LEU C 10 -30.87 -7.82 17.52
N VAL C 11 -32.13 -7.90 17.97
CA VAL C 11 -32.59 -8.98 18.84
C VAL C 11 -32.24 -10.32 18.22
N GLN C 12 -32.09 -10.36 16.90
CA GLN C 12 -31.69 -11.60 16.23
C GLN C 12 -30.41 -12.16 16.84
N ALA C 13 -29.47 -11.28 17.19
CA ALA C 13 -28.22 -11.67 17.82
C ALA C 13 -28.31 -11.67 19.34
N GLY C 14 -29.51 -11.78 19.91
CA GLY C 14 -29.70 -11.79 21.34
C GLY C 14 -29.94 -10.44 21.97
N GLY C 15 -29.79 -9.36 21.21
CA GLY C 15 -30.02 -8.03 21.76
C GLY C 15 -29.57 -6.97 20.78
N SER C 16 -29.87 -5.72 21.14
CA SER C 16 -29.52 -4.57 20.32
C SER C 16 -28.15 -4.05 20.74
N LEU C 17 -27.26 -3.87 19.77
CA LEU C 17 -25.91 -3.41 20.03
C LEU C 17 -25.47 -2.26 19.11
N THR C 18 -24.63 -1.38 19.64
CA THR C 18 -24.13 -0.26 18.86
C THR C 18 -23.11 -0.73 17.84
N LEU C 19 -22.97 0.06 16.77
CA LEU C 19 -22.01 -0.27 15.73
C LEU C 19 -20.56 -0.28 16.20
N THR C 20 -19.77 -1.21 15.65
CA THR C 20 -18.37 -1.39 16.02
C THR C 20 -17.51 -1.10 14.79
N CYS C 21 -17.14 0.16 14.62
CA CYS C 21 -16.26 0.58 13.53
C CYS C 21 -15.43 1.77 13.99
N ALA C 22 -14.31 1.97 13.30
CA ALA C 22 -13.41 3.08 13.58
C ALA C 22 -13.04 3.77 12.27
N ALA C 23 -12.84 5.08 12.35
CA ALA C 23 -12.48 5.90 11.20
C ALA C 23 -11.03 6.31 11.31
N SER C 24 -10.27 6.08 10.24
CA SER C 24 -8.85 6.44 10.18
C SER C 24 -8.59 7.72 9.41
N GLY C 25 -7.95 8.69 10.06
CA GLY C 25 -7.64 9.95 9.42
C GLY C 25 -6.74 10.79 10.30
N ARG C 26 -6.09 11.77 9.66
CA ARG C 26 -5.19 12.64 10.40
C ARG C 26 -5.95 13.49 11.40
N THR C 27 -7.12 14.01 11.03
CA THR C 27 -7.90 14.86 11.91
C THR C 27 -9.38 14.67 11.58
N PHE C 28 -10.22 15.00 12.56
CA PHE C 28 -11.66 14.85 12.37
C PHE C 28 -12.18 15.78 11.27
N SER C 29 -11.65 17.00 11.20
CA SER C 29 -12.07 17.99 10.20
C SER C 29 -11.09 18.03 9.03
N SER C 30 -10.56 16.86 8.64
CA SER C 30 -9.58 16.80 7.56
C SER C 30 -10.07 17.55 6.32
N GLU C 31 -11.21 17.16 5.78
CA GLU C 31 -11.74 17.78 4.57
C GLU C 31 -13.25 17.66 4.56
N THR C 32 -13.89 18.50 3.76
CA THR C 32 -15.34 18.51 3.59
C THR C 32 -15.63 18.11 2.14
N MET C 33 -15.72 16.80 1.90
CA MET C 33 -15.98 16.26 0.58
C MET C 33 -16.65 14.91 0.72
N ASP C 34 -17.27 14.46 -0.37
CA ASP C 34 -17.96 13.18 -0.43
C ASP C 34 -17.39 12.38 -1.58
N MET C 35 -16.93 11.16 -1.28
CA MET C 35 -16.37 10.27 -2.29
C MET C 35 -16.18 8.90 -1.65
N GLY C 36 -15.56 7.99 -2.40
CA GLY C 36 -15.28 6.67 -1.88
C GLY C 36 -14.42 5.90 -2.86
N TRP C 37 -14.02 4.70 -2.43
CA TRP C 37 -13.21 3.80 -3.24
C TRP C 37 -13.77 2.39 -3.09
N PHE C 38 -12.98 1.40 -3.52
CA PHE C 38 -13.45 0.02 -3.51
C PHE C 38 -14.17 -0.34 -2.22
N ARG C 39 -13.46 -0.27 -1.09
CA ARG C 39 -14.04 -0.49 0.23
C ARG C 39 -14.93 -1.75 0.23
N GLN C 40 -14.26 -2.88 0.01
CA GLN C 40 -14.94 -4.16 -0.14
C GLN C 40 -16.08 -4.30 0.86
N ALA C 41 -17.28 -4.51 0.34
CA ALA C 41 -18.50 -4.66 1.13
C ALA C 41 -18.70 -6.10 1.52
N PRO C 42 -19.58 -6.37 2.48
CA PRO C 42 -19.87 -7.75 2.86
C PRO C 42 -20.28 -8.58 1.64
N GLY C 43 -19.78 -9.81 1.58
CA GLY C 43 -20.02 -10.67 0.44
C GLY C 43 -19.02 -10.45 -0.67
N LYS C 44 -19.15 -11.26 -1.72
CA LYS C 44 -18.22 -11.18 -2.84
C LYS C 44 -18.34 -9.82 -3.55
N GLU C 45 -19.57 -9.35 -3.73
CA GLU C 45 -19.78 -8.08 -4.42
C GLU C 45 -19.25 -6.92 -3.59
N ARG C 46 -18.58 -5.98 -4.26
CA ARG C 46 -18.02 -4.80 -3.63
C ARG C 46 -18.82 -3.58 -4.08
N GLU C 47 -19.23 -2.76 -3.11
CA GLU C 47 -20.04 -1.57 -3.41
C GLU C 47 -19.69 -0.48 -2.40
N PHE C 48 -20.08 0.74 -2.76
CA PHE C 48 -19.82 1.90 -1.91
C PHE C 48 -20.78 1.87 -0.73
N VAL C 49 -20.28 1.44 0.43
CA VAL C 49 -21.13 1.37 1.62
C VAL C 49 -21.58 2.77 2.02
N ALA C 50 -20.66 3.74 2.00
CA ALA C 50 -20.99 5.11 2.36
C ALA C 50 -20.03 6.14 1.77
N ALA C 51 -20.57 7.06 0.96
CA ALA C 51 -19.77 8.07 0.30
C ALA C 51 -19.70 9.38 1.09
N ASP C 52 -20.22 9.39 2.33
CA ASP C 52 -20.21 10.61 3.11
C ASP C 52 -18.79 11.14 3.30
N SER C 53 -17.89 10.28 3.77
CA SER C 53 -16.49 10.57 4.14
C SER C 53 -16.29 11.41 5.39
N TRP C 54 -17.36 11.88 6.02
CA TRP C 54 -17.29 12.67 7.24
C TRP C 54 -18.70 12.73 7.82
N ASN C 55 -18.89 13.57 8.83
CA ASN C 55 -20.18 13.66 9.52
C ASN C 55 -21.24 14.21 8.56
N ASP C 56 -22.12 13.33 8.09
CA ASP C 56 -23.23 13.71 7.22
C ASP C 56 -22.73 14.41 5.96
N GLY C 57 -21.92 13.69 5.19
CA GLY C 57 -21.39 14.23 3.95
C GLY C 57 -22.43 14.34 2.86
N SER C 58 -22.92 13.20 2.37
CA SER C 58 -23.94 13.19 1.33
C SER C 58 -24.54 11.81 1.18
N THR C 59 -25.87 11.72 1.17
CA THR C 59 -26.55 10.44 1.08
C THR C 59 -26.18 9.74 -0.22
N TYR C 60 -25.84 8.46 -0.13
CA TYR C 60 -25.48 7.65 -1.27
C TYR C 60 -26.28 6.35 -1.25
N TYR C 61 -26.77 5.94 -2.41
CA TYR C 61 -27.57 4.74 -2.55
C TYR C 61 -26.77 3.68 -3.30
N ALA C 62 -26.68 2.49 -2.73
CA ALA C 62 -25.95 1.38 -3.33
C ALA C 62 -26.78 0.11 -3.18
N ASP C 63 -26.57 -0.84 -4.10
CA ASP C 63 -27.30 -2.11 -4.04
C ASP C 63 -26.96 -2.87 -2.76
N SER C 64 -25.69 -2.91 -2.38
CA SER C 64 -25.30 -3.59 -1.15
C SER C 64 -25.94 -2.92 0.07
N VAL C 65 -25.93 -1.59 0.10
CA VAL C 65 -26.52 -0.85 1.21
C VAL C 65 -27.72 -0.06 0.69
N LYS C 66 -28.90 -0.65 0.80
CA LYS C 66 -30.14 -0.03 0.35
C LYS C 66 -30.82 0.66 1.53
N GLY C 67 -32.05 1.10 1.33
CA GLY C 67 -32.79 1.75 2.41
C GLY C 67 -32.93 0.88 3.64
N ARG C 68 -32.87 -0.45 3.45
CA ARG C 68 -32.95 -1.35 4.59
C ARG C 68 -31.76 -1.17 5.55
N PHE C 69 -30.66 -0.61 5.07
CA PHE C 69 -29.48 -0.37 5.89
C PHE C 69 -29.20 1.13 5.92
N THR C 70 -28.95 1.65 7.11
CA THR C 70 -28.67 3.07 7.26
C THR C 70 -27.39 3.44 6.53
N ILE C 71 -27.41 4.60 5.86
CA ILE C 71 -26.26 5.10 5.13
C ILE C 71 -25.72 6.35 5.80
N SER C 72 -24.73 6.18 6.67
CA SER C 72 -24.14 7.30 7.38
C SER C 72 -22.78 6.89 7.91
N ARG C 73 -21.82 7.81 7.84
CA ARG C 73 -20.47 7.59 8.35
C ARG C 73 -20.08 8.78 9.21
N ASP C 74 -19.49 8.50 10.37
CA ASP C 74 -19.08 9.53 11.31
C ASP C 74 -17.60 9.33 11.62
N SER C 75 -16.81 10.37 11.41
CA SER C 75 -15.37 10.34 11.71
C SER C 75 -15.04 10.90 13.08
N ALA C 76 -16.03 11.35 13.84
CA ALA C 76 -15.78 11.92 15.15
C ALA C 76 -15.33 10.83 16.12
N LYS C 77 -14.25 11.12 16.86
CA LYS C 77 -13.67 10.21 17.84
C LYS C 77 -13.22 8.88 17.23
N ASN C 78 -13.13 8.79 15.91
CA ASN C 78 -12.71 7.56 15.23
C ASN C 78 -13.55 6.37 15.69
N THR C 79 -14.85 6.59 15.81
CA THR C 79 -15.75 5.54 16.24
C THR C 79 -17.13 5.77 15.63
N LEU C 80 -17.91 4.69 15.55
CA LEU C 80 -19.26 4.73 15.01
C LEU C 80 -20.24 4.34 16.12
N TYR C 81 -21.31 5.13 16.27
CA TYR C 81 -22.30 4.88 17.31
C TYR C 81 -23.74 4.96 16.80
N LEU C 82 -23.97 5.42 15.58
CA LEU C 82 -25.34 5.53 15.08
C LEU C 82 -25.95 4.15 14.84
N GLN C 83 -27.20 3.99 15.26
CA GLN C 83 -27.91 2.74 15.04
C GLN C 83 -28.15 2.52 13.56
N MET C 84 -28.04 1.26 13.12
CA MET C 84 -28.21 0.95 11.71
C MET C 84 -29.65 0.82 11.22
N ASN C 85 -30.39 -0.17 11.73
CA ASN C 85 -31.78 -0.38 11.35
C ASN C 85 -32.42 -1.53 12.13
N SER C 86 -33.76 -1.52 12.20
CA SER C 86 -34.52 -2.60 12.82
C SER C 86 -34.92 -3.69 11.85
N LEU C 87 -34.00 -4.61 11.61
CA LEU C 87 -34.22 -5.72 10.68
C LEU C 87 -35.07 -6.79 11.36
N LYS C 88 -35.18 -7.95 10.73
CA LYS C 88 -35.97 -9.06 11.22
C LYS C 88 -35.11 -10.31 11.35
N PRO C 89 -35.51 -11.27 12.19
CA PRO C 89 -34.70 -12.50 12.36
C PRO C 89 -34.35 -13.15 11.02
N GLU C 90 -33.32 -13.99 11.04
CA GLU C 90 -32.86 -14.70 9.85
C GLU C 90 -32.41 -13.72 8.77
N ASP C 91 -31.41 -12.92 9.12
CA ASP C 91 -30.85 -11.92 8.22
C ASP C 91 -29.36 -11.76 8.53
N THR C 92 -28.72 -10.86 7.78
CA THR C 92 -27.30 -10.57 7.96
C THR C 92 -27.11 -9.07 8.09
N ALA C 93 -26.22 -8.67 9.00
CA ALA C 93 -25.94 -7.25 9.25
C ALA C 93 -24.44 -7.09 9.41
N VAL C 94 -23.77 -6.67 8.35
CA VAL C 94 -22.32 -6.43 8.37
C VAL C 94 -22.06 -5.05 7.75
N TYR C 95 -21.26 -4.25 8.43
CA TYR C 95 -20.94 -2.90 7.98
C TYR C 95 -19.42 -2.73 7.92
N TYR C 96 -18.95 -2.09 6.85
CA TYR C 96 -17.52 -1.83 6.70
C TYR C 96 -17.07 -0.80 7.72
N CYS C 97 -15.83 -0.97 8.21
CA CYS C 97 -15.24 -0.07 9.21
C CYS C 97 -13.92 0.46 8.64
N ALA C 98 -13.98 1.64 8.05
CA ALA C 98 -12.80 2.28 7.49
C ALA C 98 -13.16 3.71 7.11
N ALA C 99 -12.13 4.53 6.88
CA ALA C 99 -12.32 5.91 6.48
C ALA C 99 -11.07 6.39 5.77
N GLU C 100 -11.22 7.48 5.02
CA GLU C 100 -10.11 8.05 4.26
C GLU C 100 -9.27 8.96 5.15
N THR C 101 -8.04 9.22 4.70
CA THR C 101 -7.11 10.09 5.39
C THR C 101 -7.17 11.50 4.81
N TYR C 102 -6.24 12.35 5.22
CA TYR C 102 -6.21 13.74 4.80
C TYR C 102 -5.23 13.91 3.64
N SER C 103 -5.74 14.36 2.50
CA SER C 103 -4.91 14.64 1.34
C SER C 103 -5.77 15.28 0.26
N ILE C 104 -5.15 16.17 -0.51
CA ILE C 104 -5.89 16.86 -1.57
C ILE C 104 -6.25 15.88 -2.68
N TYR C 105 -5.36 14.95 -3.00
CA TYR C 105 -5.61 13.99 -4.06
C TYR C 105 -6.81 13.11 -3.71
N GLU C 106 -7.30 12.38 -4.72
CA GLU C 106 -8.41 11.48 -4.53
C GLU C 106 -7.93 10.14 -3.98
N LYS C 107 -8.87 9.24 -3.73
CA LYS C 107 -8.62 7.91 -3.17
C LYS C 107 -7.54 7.96 -2.09
N ASP C 108 -7.83 8.77 -1.07
CA ASP C 108 -6.91 8.93 0.04
C ASP C 108 -6.79 7.64 0.85
N ASP C 109 -5.58 7.32 1.27
CA ASP C 109 -5.32 6.13 2.08
C ASP C 109 -4.17 6.42 3.02
N SER C 110 -4.26 5.88 4.23
CA SER C 110 -3.22 6.09 5.23
C SER C 110 -1.92 5.42 4.79
N TRP C 111 -0.81 6.16 4.93
CA TRP C 111 0.50 5.70 4.54
C TRP C 111 1.46 5.79 5.72
N GLY C 112 2.32 4.79 5.85
CA GLY C 112 3.37 4.80 6.85
C GLY C 112 3.22 3.73 7.91
N TYR C 113 2.00 3.51 8.41
CA TYR C 113 1.75 2.50 9.41
C TYR C 113 0.43 1.78 9.16
N TRP C 114 -0.02 1.73 7.91
CA TRP C 114 -1.28 1.09 7.56
C TRP C 114 -1.08 0.25 6.30
N GLY C 115 -1.89 -0.80 6.18
CA GLY C 115 -1.84 -1.68 5.03
C GLY C 115 -3.14 -1.64 4.25
N GLN C 116 -3.02 -1.79 2.93
CA GLN C 116 -4.20 -1.76 2.08
C GLN C 116 -5.17 -2.87 2.45
N GLY C 117 -6.46 -2.53 2.55
CA GLY C 117 -7.47 -3.49 2.89
C GLY C 117 -7.56 -3.73 4.39
N THR C 118 -8.51 -4.58 4.76
CA THR C 118 -8.72 -4.94 6.16
C THR C 118 -9.31 -6.34 6.22
N GLN C 119 -9.17 -6.96 7.40
CA GLN C 119 -9.70 -8.30 7.59
C GLN C 119 -11.22 -8.28 7.48
N VAL C 120 -11.77 -9.36 6.91
CA VAL C 120 -13.20 -9.49 6.69
C VAL C 120 -13.76 -10.37 7.81
N THR C 121 -14.74 -9.84 8.54
CA THR C 121 -15.39 -10.56 9.63
C THR C 121 -16.88 -10.27 9.61
N VAL C 122 -17.66 -11.22 10.10
CA VAL C 122 -19.12 -11.10 10.15
C VAL C 122 -19.59 -11.43 11.56
N SER C 123 -20.77 -10.89 11.90
CA SER C 123 -21.35 -11.10 13.22
C SER C 123 -22.43 -12.18 13.15
#